data_2RCD
#
_entry.id   2RCD
#
_cell.length_a   93.375
_cell.length_b   93.524
_cell.length_c   72.919
_cell.angle_alpha   90.000
_cell.angle_beta   105.320
_cell.angle_gamma   90.000
#
_symmetry.space_group_name_H-M   'C 1 2 1'
#
loop_
_entity.id
_entity.type
_entity.pdbx_description
1 polymer 'Uncharacterized protein'
2 non-polymer 'CHLORIDE ION'
3 water water
#
_entity_poly.entity_id   1
_entity_poly.type   'polypeptide(L)'
_entity_poly.pdbx_seq_one_letter_code
;G(MSE)LPDDVNQADVLADVTAAFYRYEKALTGNDVAVLDELFWHDEKTVRYGAGENLYGIEEIRAFRLARPSAGLDRAL
RNTVITTYGHD(MSE)AVASTEFTRTGSTKIGRQ(MSE)QTWVK(MSE)PEGWRIVAAHVSL(MSE)SE
;
_entity_poly.pdbx_strand_id   A,B,C,D
#
# COMPACT_ATOMS: atom_id res chain seq x y z
N GLY A 1 -24.51 -10.70 9.15
CA GLY A 1 -24.10 -10.15 10.47
C GLY A 1 -23.67 -11.26 11.42
N LEU A 3 -23.21 -12.26 15.18
CA LEU A 3 -23.56 -11.90 16.52
C LEU A 3 -22.57 -12.60 17.44
N PRO A 4 -22.39 -12.09 18.67
CA PRO A 4 -21.46 -12.74 19.60
C PRO A 4 -21.68 -14.23 19.84
N ASP A 5 -22.93 -14.64 20.08
CA ASP A 5 -23.25 -16.06 20.33
C ASP A 5 -22.96 -17.00 19.12
N ASP A 6 -22.90 -16.45 17.90
CA ASP A 6 -22.65 -17.25 16.69
C ASP A 6 -21.19 -17.76 16.56
N VAL A 7 -20.30 -17.31 17.45
CA VAL A 7 -18.88 -17.71 17.44
C VAL A 7 -18.63 -19.00 18.23
N ASN A 8 -17.92 -19.93 17.60
CA ASN A 8 -17.58 -21.22 18.20
C ASN A 8 -18.74 -22.09 18.67
N GLN A 9 -19.61 -22.46 17.76
CA GLN A 9 -20.70 -23.36 18.08
C GLN A 9 -20.03 -24.73 18.09
N ALA A 10 -20.20 -25.49 19.16
CA ALA A 10 -19.49 -26.75 19.36
C ALA A 10 -19.38 -27.65 18.12
N ASP A 11 -20.52 -28.02 17.54
CA ASP A 11 -20.57 -28.88 16.34
C ASP A 11 -19.81 -28.29 15.14
N VAL A 12 -19.96 -26.99 14.89
CA VAL A 12 -19.23 -26.37 13.77
C VAL A 12 -17.74 -26.51 14.05
N LEU A 13 -17.34 -26.18 15.27
CA LEU A 13 -15.92 -26.24 15.67
C LEU A 13 -15.31 -27.66 15.67
N ALA A 14 -16.11 -28.68 15.96
CA ALA A 14 -15.62 -30.06 15.86
C ALA A 14 -15.31 -30.43 14.40
N ASP A 15 -16.23 -30.11 13.49
CA ASP A 15 -16.04 -30.45 12.05
C ASP A 15 -14.80 -29.79 11.49
N VAL A 16 -14.69 -28.49 11.72
CA VAL A 16 -13.55 -27.72 11.26
C VAL A 16 -12.25 -28.24 11.86
N THR A 17 -12.27 -28.64 13.13
CA THR A 17 -11.03 -29.06 13.79
C THR A 17 -10.52 -30.35 13.18
N ALA A 18 -11.40 -31.34 13.10
CA ALA A 18 -11.02 -32.60 12.45
C ALA A 18 -10.41 -32.26 11.08
N ALA A 19 -11.08 -31.43 10.30
CA ALA A 19 -10.57 -31.06 8.97
C ALA A 19 -9.15 -30.48 9.06
N PHE A 20 -8.90 -29.62 10.04
CA PHE A 20 -7.59 -29.03 10.27
C PHE A 20 -6.52 -30.06 10.56
N TYR A 21 -6.80 -31.02 11.44
CA TYR A 21 -5.82 -32.04 11.74
C TYR A 21 -5.64 -33.02 10.61
N ARG A 22 -6.67 -33.19 9.80
CA ARG A 22 -6.53 -34.01 8.63
C ARG A 22 -5.58 -33.29 7.63
N TYR A 23 -5.70 -31.97 7.51
CA TYR A 23 -4.80 -31.20 6.62
C TYR A 23 -3.37 -31.25 7.15
N GLU A 24 -3.24 -31.25 8.48
CA GLU A 24 -1.95 -31.29 9.15
C GLU A 24 -1.21 -32.57 8.82
N LYS A 25 -1.93 -33.68 8.90
CA LYS A 25 -1.41 -34.96 8.58
C LYS A 25 -1.03 -35.04 7.10
N ALA A 26 -1.89 -34.56 6.20
CA ALA A 26 -1.57 -34.62 4.77
C ALA A 26 -0.34 -33.75 4.48
N LEU A 27 -0.24 -32.61 5.13
CA LEU A 27 0.91 -31.73 4.91
C LEU A 27 2.25 -32.35 5.34
N THR A 28 2.30 -32.93 6.53
CA THR A 28 3.56 -33.48 7.01
C THR A 28 3.94 -34.76 6.26
N GLY A 29 2.95 -35.47 5.73
CA GLY A 29 3.18 -36.71 4.98
C GLY A 29 3.25 -36.47 3.49
N ASN A 30 3.16 -35.23 3.08
CA ASN A 30 3.15 -34.87 1.66
C ASN A 30 2.13 -35.65 0.83
N ASP A 31 0.92 -35.77 1.38
CA ASP A 31 -0.23 -36.37 0.69
C ASP A 31 -0.86 -35.25 -0.15
N VAL A 32 -0.24 -35.00 -1.30
CA VAL A 32 -0.62 -33.97 -2.26
C VAL A 32 -2.07 -34.06 -2.76
N ALA A 33 -2.58 -35.28 -2.86
CA ALA A 33 -3.96 -35.56 -3.25
C ALA A 33 -4.91 -34.81 -2.30
N VAL A 34 -4.75 -35.09 -1.02
CA VAL A 34 -5.56 -34.47 0.02
C VAL A 34 -5.31 -32.97 0.16
N LEU A 35 -4.05 -32.54 0.17
CA LEU A 35 -3.73 -31.13 0.20
C LEU A 35 -4.49 -30.39 -0.93
N ASP A 36 -4.63 -31.04 -2.09
CA ASP A 36 -5.39 -30.47 -3.20
C ASP A 36 -6.89 -30.55 -2.92
N GLU A 37 -7.31 -31.66 -2.34
CA GLU A 37 -8.70 -31.82 -1.98
C GLU A 37 -9.14 -30.66 -1.03
N LEU A 38 -8.36 -30.40 0.00
CA LEU A 38 -8.78 -29.46 1.03
C LEU A 38 -8.70 -28.00 0.68
N PHE A 39 -7.99 -27.68 -0.38
CA PHE A 39 -7.92 -26.32 -0.86
C PHE A 39 -9.12 -26.06 -1.78
N TRP A 40 -9.61 -24.84 -1.74
CA TRP A 40 -10.70 -24.38 -2.61
C TRP A 40 -10.20 -24.41 -4.01
N HIS A 41 -10.98 -25.00 -4.93
CA HIS A 41 -10.64 -25.15 -6.32
C HIS A 41 -11.12 -23.95 -7.10
N ASP A 42 -10.36 -22.87 -7.07
CA ASP A 42 -10.77 -21.68 -7.78
C ASP A 42 -9.56 -20.82 -8.11
N GLU A 43 -9.74 -19.93 -9.08
CA GLU A 43 -8.71 -19.00 -9.45
C GLU A 43 -8.44 -17.95 -8.38
N LYS A 44 -9.43 -17.65 -7.55
CA LYS A 44 -9.31 -16.64 -6.47
C LYS A 44 -8.57 -17.16 -5.24
N THR A 45 -8.39 -18.46 -5.14
CA THR A 45 -7.69 -19.01 -3.95
C THR A 45 -6.24 -18.48 -3.85
N VAL A 46 -5.80 -18.15 -2.64
CA VAL A 46 -4.45 -17.58 -2.45
C VAL A 46 -3.66 -18.34 -1.40
N ARG A 47 -2.38 -18.62 -1.68
CA ARG A 47 -1.51 -19.24 -0.71
C ARG A 47 -0.19 -18.50 -0.70
N TYR A 48 0.09 -17.83 0.41
CA TYR A 48 1.35 -17.14 0.63
C TYR A 48 2.16 -18.06 1.50
N GLY A 49 3.23 -18.60 0.96
CA GLY A 49 4.07 -19.56 1.69
C GLY A 49 5.34 -18.84 2.04
N ALA A 50 6.25 -19.55 2.72
CA ALA A 50 7.51 -18.97 3.21
C ALA A 50 8.31 -18.25 2.14
N GLY A 51 8.42 -18.84 0.96
CA GLY A 51 9.22 -18.26 -0.11
C GLY A 51 8.49 -18.07 -1.41
N GLU A 52 7.16 -18.09 -1.38
CA GLU A 52 6.41 -17.90 -2.62
C GLU A 52 4.98 -17.41 -2.39
N ASN A 53 4.51 -16.66 -3.38
CA ASN A 53 3.18 -16.07 -3.42
C ASN A 53 2.42 -16.75 -4.54
N LEU A 54 1.40 -17.53 -4.19
CA LEU A 54 0.63 -18.32 -5.18
C LEU A 54 -0.84 -17.86 -5.30
N TYR A 55 -1.27 -17.66 -6.54
CA TYR A 55 -2.62 -17.22 -6.87
C TYR A 55 -3.32 -18.25 -7.74
N GLY A 56 -4.38 -18.84 -7.22
CA GLY A 56 -5.16 -19.82 -7.95
C GLY A 56 -4.71 -21.21 -7.64
N ILE A 57 -5.62 -22.16 -7.79
CA ILE A 57 -5.37 -23.56 -7.50
C ILE A 57 -4.31 -24.18 -8.47
N GLU A 58 -4.20 -23.62 -9.67
CA GLU A 58 -3.28 -24.12 -10.67
C GLU A 58 -1.85 -23.91 -10.16
N GLU A 59 -1.54 -22.70 -9.75
CA GLU A 59 -0.22 -22.38 -9.20
C GLU A 59 0.06 -23.12 -7.88
N ILE A 60 -0.93 -23.29 -7.04
CA ILE A 60 -0.74 -24.01 -5.79
C ILE A 60 -0.42 -25.48 -6.08
N ARG A 61 -1.00 -26.04 -7.14
CA ARG A 61 -0.72 -27.43 -7.50
C ARG A 61 0.70 -27.57 -8.02
N ALA A 62 1.09 -26.67 -8.90
CA ALA A 62 2.47 -26.65 -9.41
C ALA A 62 3.38 -26.67 -8.18
N PHE A 63 3.20 -25.68 -7.31
CA PHE A 63 3.97 -25.58 -6.04
C PHE A 63 4.09 -26.92 -5.31
N ARG A 64 2.96 -27.57 -5.10
CA ARG A 64 2.93 -28.80 -4.32
C ARG A 64 3.85 -29.86 -4.90
N LEU A 65 3.84 -30.04 -6.22
CA LEU A 65 4.67 -31.07 -6.85
C LEU A 65 6.14 -30.67 -6.90
N ALA A 66 6.40 -29.40 -7.06
CA ALA A 66 7.76 -28.88 -7.10
C ALA A 66 8.42 -28.85 -5.71
N ARG A 67 7.63 -28.95 -4.65
CA ARG A 67 8.15 -28.84 -3.27
C ARG A 67 8.96 -30.06 -2.77
N PRO A 68 10.12 -29.81 -2.11
CA PRO A 68 10.90 -30.92 -1.54
C PRO A 68 10.17 -31.60 -0.40
N SER A 69 10.21 -32.92 -0.35
CA SER A 69 9.49 -33.67 0.70
C SER A 69 10.27 -33.86 2.01
N ALA A 70 11.59 -33.69 1.97
CA ALA A 70 12.44 -33.84 3.17
C ALA A 70 12.16 -32.75 4.22
N GLY A 71 12.04 -33.16 5.47
CA GLY A 71 11.83 -32.22 6.58
C GLY A 71 10.51 -31.46 6.59
N LEU A 72 9.46 -32.14 6.17
CA LEU A 72 8.11 -31.56 6.19
C LEU A 72 7.49 -31.68 7.58
N ASP A 73 7.90 -32.69 8.34
CA ASP A 73 7.34 -32.90 9.70
C ASP A 73 7.61 -31.66 10.55
N ARG A 74 6.64 -31.34 11.41
CA ARG A 74 6.75 -30.16 12.27
C ARG A 74 5.85 -30.25 13.49
N ALA A 75 6.25 -29.60 14.59
CA ALA A 75 5.45 -29.56 15.81
C ALA A 75 4.64 -28.25 15.84
N LEU A 76 3.32 -28.37 15.96
CA LEU A 76 2.46 -27.20 16.13
C LEU A 76 2.54 -26.73 17.57
N ARG A 77 2.06 -25.51 17.77
CA ARG A 77 2.14 -24.82 19.03
C ARG A 77 1.19 -23.62 18.95
N ASN A 78 0.51 -23.32 20.07
CA ASN A 78 -0.38 -22.13 20.13
C ASN A 78 -1.44 -22.03 19.01
N THR A 79 -2.15 -23.14 18.83
CA THR A 79 -3.20 -23.26 17.84
C THR A 79 -4.53 -22.71 18.34
N VAL A 80 -5.11 -21.84 17.53
CA VAL A 80 -6.36 -21.16 17.77
C VAL A 80 -7.28 -21.44 16.56
N ILE A 81 -8.35 -22.16 16.80
CA ILE A 81 -9.36 -22.42 15.78
C ILE A 81 -10.66 -21.74 16.25
N THR A 82 -11.16 -20.77 15.48
CA THR A 82 -12.36 -20.01 15.79
C THR A 82 -13.33 -20.13 14.63
N THR A 83 -14.58 -20.49 14.95
CA THR A 83 -15.61 -20.61 13.93
C THR A 83 -16.56 -19.44 14.04
N TYR A 84 -17.13 -19.05 12.91
CA TYR A 84 -18.06 -17.92 12.79
C TYR A 84 -19.33 -18.40 12.09
N GLY A 85 -20.41 -18.53 12.85
CA GLY A 85 -21.64 -19.05 12.28
C GLY A 85 -21.47 -20.53 11.96
N HIS A 86 -22.11 -20.98 10.89
CA HIS A 86 -22.11 -22.41 10.54
C HIS A 86 -21.17 -22.80 9.39
N ASP A 87 -20.47 -21.85 8.77
CA ASP A 87 -19.68 -22.21 7.60
C ASP A 87 -18.40 -21.39 7.30
N ALA A 89 -14.39 -20.46 9.19
CA ALA A 89 -13.45 -20.67 10.30
C ALA A 89 -12.06 -20.09 10.01
N VAL A 90 -11.34 -19.75 11.09
CA VAL A 90 -9.97 -19.32 11.00
C VAL A 90 -9.14 -20.21 11.89
N ALA A 91 -8.14 -20.85 11.27
CA ALA A 91 -7.19 -21.70 12.00
C ALA A 91 -5.87 -20.95 11.96
N SER A 92 -5.30 -20.75 13.14
CA SER A 92 -4.00 -20.05 13.31
C SER A 92 -3.14 -20.93 14.17
N THR A 93 -1.87 -21.07 13.82
CA THR A 93 -0.95 -21.84 14.64
C THR A 93 0.48 -21.37 14.43
N GLU A 94 1.29 -21.55 15.45
CA GLU A 94 2.72 -21.38 15.29
C GLU A 94 3.24 -22.83 15.11
N PHE A 95 4.47 -22.97 14.62
CA PHE A 95 5.10 -24.28 14.52
C PHE A 95 6.60 -24.17 14.51
N THR A 96 7.26 -25.24 14.89
CA THR A 96 8.71 -25.30 14.92
C THR A 96 9.15 -26.59 14.23
N ARG A 97 10.44 -26.70 13.96
CA ARG A 97 11.03 -27.89 13.38
C ARG A 97 12.31 -28.25 14.08
N THR A 98 12.66 -29.53 14.01
CA THR A 98 13.90 -30.05 14.62
C THR A 98 15.13 -29.34 14.07
N GLY A 99 15.14 -29.08 12.77
CA GLY A 99 16.28 -28.42 12.12
C GLY A 99 16.39 -26.93 12.37
N SER A 100 15.27 -26.23 12.13
CA SER A 100 15.23 -24.76 12.22
C SER A 100 15.35 -24.12 13.61
N THR A 101 15.68 -22.83 13.56
CA THR A 101 15.77 -21.93 14.70
C THR A 101 14.66 -20.86 14.66
N LYS A 102 14.21 -20.52 13.46
CA LYS A 102 13.16 -19.55 13.24
C LYS A 102 11.81 -20.16 13.60
N ILE A 103 10.84 -19.32 13.96
CA ILE A 103 9.49 -19.75 14.35
C ILE A 103 8.52 -19.58 13.18
N GLY A 104 7.74 -20.62 12.93
CA GLY A 104 6.81 -20.61 11.81
C GLY A 104 5.39 -20.30 12.22
N ARG A 105 4.65 -19.61 11.35
CA ARG A 105 3.28 -19.28 11.61
C ARG A 105 2.46 -19.63 10.39
N GLN A 106 1.26 -20.13 10.64
CA GLN A 106 0.33 -20.49 9.57
C GLN A 106 -1.08 -20.02 9.88
N GLN A 108 -5.00 -19.86 8.16
CA GLN A 108 -5.86 -20.40 7.11
C GLN A 108 -7.27 -20.03 7.37
N THR A 109 -7.95 -19.58 6.33
CA THR A 109 -9.39 -19.35 6.42
C THR A 109 -10.14 -20.47 5.69
N TRP A 110 -10.96 -21.19 6.45
CA TRP A 110 -11.79 -22.28 5.97
C TRP A 110 -13.23 -21.86 5.74
N VAL A 111 -13.83 -22.34 4.65
CA VAL A 111 -15.26 -22.14 4.36
C VAL A 111 -15.93 -23.48 4.01
N LYS A 112 -17.12 -23.73 4.54
CA LYS A 112 -17.84 -24.97 4.26
C LYS A 112 -18.52 -24.84 2.91
N PRO A 114 -20.20 -27.09 -0.53
CA PRO A 114 -21.00 -28.32 -0.64
C PRO A 114 -20.14 -29.61 -0.65
N GLU A 115 -18.95 -29.53 -1.25
CA GLU A 115 -18.01 -30.66 -1.27
C GLU A 115 -17.32 -30.89 0.10
N GLY A 116 -17.39 -29.90 0.99
CA GLY A 116 -16.81 -29.98 2.34
C GLY A 116 -16.05 -28.72 2.75
N TRP A 117 -15.44 -28.75 3.95
CA TRP A 117 -14.61 -27.64 4.42
C TRP A 117 -13.42 -27.47 3.50
N ARG A 118 -13.17 -26.24 3.10
CA ARG A 118 -12.11 -25.95 2.15
C ARG A 118 -11.37 -24.72 2.55
N ILE A 119 -10.05 -24.74 2.37
CA ILE A 119 -9.19 -23.60 2.67
C ILE A 119 -9.24 -22.68 1.46
N VAL A 120 -9.82 -21.51 1.65
CA VAL A 120 -9.89 -20.47 0.61
C VAL A 120 -8.69 -19.52 0.60
N ALA A 121 -7.95 -19.46 1.70
CA ALA A 121 -6.74 -18.57 1.74
C ALA A 121 -5.86 -19.03 2.84
N ALA A 122 -4.53 -19.01 2.60
CA ALA A 122 -3.56 -19.41 3.65
C ALA A 122 -2.31 -18.59 3.51
N HIS A 123 -1.70 -18.28 4.65
CA HIS A 123 -0.48 -17.49 4.71
C HIS A 123 0.38 -18.29 5.65
N VAL A 124 1.60 -18.59 5.20
CA VAL A 124 2.60 -19.32 5.98
C VAL A 124 3.89 -18.52 5.86
N SER A 125 4.55 -18.28 6.99
CA SER A 125 5.81 -17.55 6.97
C SER A 125 6.65 -17.90 8.18
N LEU A 126 7.90 -17.46 8.12
CA LEU A 126 8.84 -17.61 9.19
C LEU A 126 8.99 -16.24 9.81
N SER A 128 10.65 -13.05 11.45
CA SER A 128 11.96 -12.46 11.23
C SER A 128 12.91 -12.61 12.44
N GLY B 1 -22.86 -23.68 4.63
CA GLY B 1 -23.24 -23.74 3.20
C GLY B 1 -22.84 -22.50 2.43
N LEU B 3 -22.48 -21.63 -1.67
CA LEU B 3 -22.60 -22.02 -3.06
C LEU B 3 -21.81 -21.01 -3.90
N PRO B 4 -21.45 -21.38 -5.14
CA PRO B 4 -20.71 -20.49 -6.03
C PRO B 4 -21.30 -19.10 -6.25
N ASP B 5 -22.62 -18.97 -6.19
CA ASP B 5 -23.28 -17.67 -6.33
C ASP B 5 -23.10 -16.78 -5.08
N ASP B 6 -22.74 -17.38 -3.95
CA ASP B 6 -22.55 -16.65 -2.70
C ASP B 6 -21.16 -15.95 -2.65
N VAL B 7 -20.31 -16.20 -3.65
CA VAL B 7 -18.98 -15.59 -3.68
C VAL B 7 -19.05 -14.26 -4.43
N ASN B 8 -18.48 -13.24 -3.82
CA ASN B 8 -18.41 -11.90 -4.39
C ASN B 8 -19.71 -11.26 -4.82
N GLN B 9 -20.65 -11.18 -3.89
CA GLN B 9 -21.89 -10.46 -4.16
C GLN B 9 -21.48 -8.98 -4.20
N ALA B 10 -21.95 -8.25 -5.23
CA ALA B 10 -21.56 -6.85 -5.47
C ALA B 10 -21.58 -5.92 -4.26
N ASP B 11 -22.70 -5.88 -3.54
CA ASP B 11 -22.84 -5.01 -2.35
C ASP B 11 -21.89 -5.30 -1.23
N VAL B 12 -21.72 -6.58 -0.93
CA VAL B 12 -20.87 -7.03 0.17
C VAL B 12 -19.43 -6.65 -0.12
N LEU B 13 -19.01 -6.90 -1.36
CA LEU B 13 -17.65 -6.62 -1.82
C LEU B 13 -17.36 -5.12 -1.88
N ALA B 14 -18.35 -4.32 -2.24
CA ALA B 14 -18.16 -2.88 -2.28
C ALA B 14 -17.85 -2.34 -0.87
N ASP B 15 -18.55 -2.89 0.13
CA ASP B 15 -18.37 -2.50 1.54
C ASP B 15 -17.02 -2.91 2.10
N VAL B 16 -16.71 -4.19 1.97
CA VAL B 16 -15.43 -4.73 2.46
C VAL B 16 -14.23 -4.05 1.76
N THR B 17 -14.35 -3.80 0.47
CA THR B 17 -13.27 -3.12 -0.25
C THR B 17 -13.04 -1.73 0.33
N ALA B 18 -14.10 -0.98 0.60
CA ALA B 18 -13.91 0.33 1.20
C ALA B 18 -13.29 0.22 2.58
N ALA B 19 -13.72 -0.78 3.37
CA ALA B 19 -13.16 -0.99 4.73
C ALA B 19 -11.69 -1.33 4.62
N PHE B 20 -11.33 -2.20 3.68
CA PHE B 20 -9.93 -2.54 3.46
C PHE B 20 -9.06 -1.32 3.19
N TYR B 21 -9.48 -0.43 2.29
CA TYR B 21 -8.66 0.76 1.98
C TYR B 21 -8.68 1.83 3.10
N ARG B 22 -9.68 1.77 3.96
CA ARG B 22 -9.73 2.68 5.09
C ARG B 22 -8.62 2.22 6.03
N TYR B 23 -8.52 0.90 6.25
CA TYR B 23 -7.44 0.30 7.07
C TYR B 23 -6.06 0.63 6.47
N GLU B 24 -5.92 0.47 5.17
CA GLU B 24 -4.69 0.81 4.46
C GLU B 24 -4.28 2.24 4.78
N LYS B 25 -5.23 3.16 4.74
CA LYS B 25 -4.97 4.54 5.11
C LYS B 25 -4.53 4.65 6.58
N ALA B 26 -5.24 3.97 7.48
CA ALA B 26 -4.93 4.05 8.89
C ALA B 26 -3.57 3.47 9.16
N LEU B 27 -3.21 2.40 8.46
CA LEU B 27 -1.93 1.75 8.68
C LEU B 27 -0.75 2.60 8.25
N THR B 28 -0.88 3.26 7.13
CA THR B 28 0.24 4.01 6.62
C THR B 28 0.38 5.33 7.33
N GLY B 29 -0.72 5.86 7.86
CA GLY B 29 -0.73 7.14 8.59
C GLY B 29 -0.66 6.93 10.09
N ASN B 30 -0.63 5.67 10.50
CA ASN B 30 -0.55 5.29 11.90
C ASN B 30 -1.70 5.86 12.72
N ASP B 31 -2.91 5.63 12.24
CA ASP B 31 -4.12 6.09 12.89
C ASP B 31 -4.50 4.92 13.81
N VAL B 32 -3.83 4.89 14.96
CA VAL B 32 -3.98 3.83 15.92
C VAL B 32 -5.43 3.66 16.39
N ALA B 33 -6.16 4.76 16.50
CA ALA B 33 -7.57 4.71 16.91
C ALA B 33 -8.39 3.91 15.89
N VAL B 34 -8.16 4.14 14.60
CA VAL B 34 -8.85 3.39 13.58
C VAL B 34 -8.33 1.96 13.46
N LEU B 35 -7.01 1.81 13.50
CA LEU B 35 -6.42 0.49 13.47
C LEU B 35 -7.10 -0.37 14.51
N ASP B 36 -7.32 0.18 15.71
CA ASP B 36 -7.99 -0.54 16.78
C ASP B 36 -9.51 -0.79 16.53
N GLU B 37 -10.19 0.24 16.07
CA GLU B 37 -11.60 0.16 15.73
C GLU B 37 -11.84 -1.01 14.79
N LEU B 38 -11.00 -1.11 13.76
CA LEU B 38 -11.16 -2.10 12.70
C LEU B 38 -10.78 -3.53 13.07
N PHE B 39 -10.01 -3.72 14.12
CA PHE B 39 -9.75 -5.08 14.60
C PHE B 39 -10.86 -5.50 15.55
N TRP B 40 -11.13 -6.78 15.55
CA TRP B 40 -12.13 -7.34 16.43
C TRP B 40 -11.62 -7.25 17.82
N HIS B 41 -12.45 -6.72 18.70
CA HIS B 41 -12.12 -6.58 20.10
C HIS B 41 -12.47 -7.85 20.83
N ASP B 42 -11.54 -8.79 20.88
CA ASP B 42 -11.79 -10.05 21.55
C ASP B 42 -10.45 -10.69 21.86
N GLU B 43 -10.43 -11.60 22.83
CA GLU B 43 -9.22 -12.34 23.19
C GLU B 43 -8.78 -13.28 22.09
N LYS B 44 -9.74 -13.79 21.33
CA LYS B 44 -9.44 -14.70 20.25
C LYS B 44 -8.79 -14.07 19.01
N THR B 45 -8.82 -12.74 18.88
CA THR B 45 -8.23 -12.10 17.69
C THR B 45 -6.72 -12.41 17.61
N VAL B 46 -6.22 -12.63 16.39
CA VAL B 46 -4.82 -13.03 16.19
C VAL B 46 -4.16 -12.19 15.09
N ARG B 47 -3.01 -11.62 15.41
CA ARG B 47 -2.20 -10.92 14.42
C ARG B 47 -0.78 -11.49 14.44
N TYR B 48 -0.36 -12.07 13.32
CA TYR B 48 1.01 -12.52 13.11
C TYR B 48 1.60 -11.44 12.22
N GLY B 49 2.58 -10.72 12.74
CA GLY B 49 3.25 -9.67 12.02
C GLY B 49 4.63 -10.16 11.67
N ALA B 50 5.38 -9.36 10.92
CA ALA B 50 6.76 -9.71 10.46
C ALA B 50 7.68 -10.30 11.53
N GLY B 51 7.67 -9.71 12.72
CA GLY B 51 8.51 -10.15 13.82
C GLY B 51 7.81 -10.35 15.13
N GLU B 52 6.50 -10.58 15.14
CA GLU B 52 5.81 -10.84 16.39
C GLU B 52 4.51 -11.60 16.18
N ASN B 53 4.13 -12.33 17.23
CA ASN B 53 2.92 -13.16 17.26
C ASN B 53 1.99 -12.62 18.35
N LEU B 54 0.94 -11.92 17.95
CA LEU B 54 0.02 -11.29 18.92
C LEU B 54 -1.34 -12.02 19.06
N TYR B 55 -1.68 -12.38 20.30
CA TYR B 55 -2.94 -13.08 20.62
C TYR B 55 -3.85 -12.26 21.50
N GLY B 56 -4.91 -11.73 20.92
CA GLY B 56 -5.88 -10.93 21.66
C GLY B 56 -5.72 -9.46 21.36
N ILE B 57 -6.82 -8.74 21.51
CA ILE B 57 -6.81 -7.32 21.20
C ILE B 57 -5.89 -6.50 22.12
N GLU B 58 -5.66 -6.95 23.35
CA GLU B 58 -4.82 -6.23 24.29
C GLU B 58 -3.34 -6.27 23.83
N GLU B 59 -2.84 -7.47 23.48
CA GLU B 59 -1.51 -7.61 22.91
C GLU B 59 -1.40 -6.80 21.59
N ILE B 60 -2.44 -6.83 20.76
CA ILE B 60 -2.38 -6.10 19.51
C ILE B 60 -2.28 -4.60 19.76
N ARG B 61 -3.00 -4.10 20.76
CA ARG B 61 -2.96 -2.66 21.08
C ARG B 61 -1.58 -2.18 21.58
N ALA B 62 -0.97 -2.98 22.43
CA ALA B 62 0.34 -2.67 22.93
C ALA B 62 1.29 -2.52 21.75
N PHE B 63 1.17 -3.42 20.79
CA PHE B 63 2.00 -3.43 19.59
C PHE B 63 1.85 -2.14 18.77
N ARG B 64 0.63 -1.67 18.66
CA ARG B 64 0.39 -0.49 17.90
C ARG B 64 1.11 0.70 18.49
N LEU B 65 1.16 0.78 19.83
CA LEU B 65 1.80 1.92 20.48
C LEU B 65 3.31 1.80 20.56
N ALA B 66 3.82 0.58 20.58
CA ALA B 66 5.26 0.34 20.64
C ALA B 66 5.89 0.45 19.25
N ARG B 67 5.08 0.38 18.20
CA ARG B 67 5.62 0.35 16.84
C ARG B 67 6.26 1.69 16.38
N PRO B 68 7.43 1.63 15.69
CA PRO B 68 8.04 2.82 15.06
C PRO B 68 7.11 3.41 13.99
N SER B 69 6.93 4.73 14.04
CA SER B 69 6.03 5.41 13.11
C SER B 69 6.70 5.81 11.80
N ALA B 70 8.03 5.72 11.74
CA ALA B 70 8.78 6.08 10.55
C ALA B 70 8.81 4.93 9.55
N GLY B 71 8.64 5.24 8.27
CA GLY B 71 8.70 4.27 7.20
C GLY B 71 7.50 3.35 7.03
N LEU B 72 6.37 3.69 7.68
CA LEU B 72 5.15 2.88 7.59
C LEU B 72 4.53 2.87 6.19
N ASP B 73 4.86 3.86 5.36
CA ASP B 73 4.29 3.95 4.01
C ASP B 73 4.70 2.82 3.06
N ARG B 74 3.78 2.40 2.19
CA ARG B 74 4.02 1.28 1.27
C ARG B 74 3.18 1.33 -0.02
N ALA B 75 3.54 0.48 -0.97
CA ALA B 75 2.86 0.34 -2.27
C ALA B 75 2.20 -1.03 -2.30
N LEU B 76 0.94 -1.11 -2.71
CA LEU B 76 0.26 -2.41 -2.77
C LEU B 76 0.41 -3.00 -4.15
N ARG B 77 0.27 -4.31 -4.21
CA ARG B 77 0.48 -5.11 -5.41
C ARG B 77 -0.29 -6.43 -5.33
N ASN B 78 -0.87 -6.85 -6.46
CA ASN B 78 -1.59 -8.14 -6.53
C ASN B 78 -2.64 -8.35 -5.42
N THR B 79 -3.47 -7.33 -5.17
CA THR B 79 -4.49 -7.37 -4.14
C THR B 79 -5.71 -8.17 -4.62
N VAL B 80 -6.14 -9.14 -3.81
CA VAL B 80 -7.33 -9.95 -4.06
C VAL B 80 -8.23 -9.83 -2.82
N ILE B 81 -9.47 -9.43 -3.03
CA ILE B 81 -10.51 -9.29 -2.00
C ILE B 81 -11.69 -10.18 -2.44
N THR B 82 -12.01 -11.18 -1.64
CA THR B 82 -13.09 -12.10 -1.93
C THR B 82 -14.05 -12.16 -0.73
N THR B 83 -15.34 -11.99 -1.00
CA THR B 83 -16.36 -12.04 0.03
C THR B 83 -17.10 -13.34 -0.11
N TYR B 84 -17.56 -13.84 1.03
CA TYR B 84 -18.24 -15.10 1.13
C TYR B 84 -19.59 -14.83 1.81
N GLY B 85 -20.66 -15.00 1.04
CA GLY B 85 -21.99 -14.66 1.53
C GLY B 85 -22.02 -13.16 1.78
N HIS B 86 -22.81 -12.77 2.78
CA HIS B 86 -22.97 -11.35 3.14
C HIS B 86 -22.13 -10.86 4.32
N ASP B 87 -21.34 -11.71 4.96
CA ASP B 87 -20.60 -11.24 6.15
C ASP B 87 -19.18 -11.79 6.44
N ALA B 89 -15.07 -12.04 4.55
CA ALA B 89 -14.23 -11.70 3.43
C ALA B 89 -12.79 -12.05 3.77
N VAL B 90 -11.99 -12.19 2.74
CA VAL B 90 -10.58 -12.40 2.90
C VAL B 90 -9.93 -11.39 1.99
N ALA B 91 -9.04 -10.55 2.52
CA ALA B 91 -8.29 -9.57 1.70
C ALA B 91 -6.81 -9.98 1.72
N SER B 92 -6.19 -10.13 0.56
CA SER B 92 -4.79 -10.55 0.51
C SER B 92 -4.12 -9.62 -0.42
N THR B 93 -2.89 -9.25 -0.12
CA THR B 93 -2.14 -8.35 -0.97
C THR B 93 -0.68 -8.53 -0.73
N GLU B 94 0.11 -8.15 -1.71
CA GLU B 94 1.55 -8.06 -1.52
C GLU B 94 1.83 -6.56 -1.38
N PHE B 95 3.02 -6.23 -0.89
CA PHE B 95 3.45 -4.84 -0.80
C PHE B 95 4.95 -4.76 -0.76
N THR B 96 5.44 -3.56 -1.09
CA THR B 96 6.83 -3.26 -1.16
C THR B 96 7.07 -1.88 -0.56
N ARG B 97 8.29 -1.60 -0.13
CA ARG B 97 8.63 -0.29 0.41
C ARG B 97 9.84 0.27 -0.32
N THR B 98 9.93 1.59 -0.36
CA THR B 98 11.00 2.29 -1.08
C THR B 98 12.38 1.74 -0.82
N GLY B 99 12.66 1.54 0.48
CA GLY B 99 13.99 1.14 0.92
C GLY B 99 14.33 -0.31 0.73
N SER B 100 13.40 -1.17 1.14
CA SER B 100 13.60 -2.62 1.13
C SER B 100 13.59 -3.26 -0.24
N THR B 101 14.18 -4.46 -0.27
CA THR B 101 14.23 -5.34 -1.44
C THR B 101 13.27 -6.51 -1.28
N LYS B 102 12.91 -6.81 -0.03
CA LYS B 102 12.05 -7.92 0.31
C LYS B 102 10.58 -7.59 -0.01
N ILE B 103 9.79 -8.63 -0.29
CA ILE B 103 8.37 -8.53 -0.67
C ILE B 103 7.51 -8.85 0.55
N GLY B 104 6.61 -7.93 0.90
CA GLY B 104 5.73 -8.13 2.02
C GLY B 104 4.43 -8.74 1.56
N ARG B 105 3.79 -9.46 2.48
CA ARG B 105 2.50 -10.07 2.23
C ARG B 105 1.61 -9.80 3.41
N GLN B 106 0.36 -9.46 3.09
CA GLN B 106 -0.66 -9.26 4.13
C GLN B 106 -1.90 -10.05 3.77
N GLN B 108 -5.83 -10.80 5.49
CA GLN B 108 -6.80 -10.44 6.54
C GLN B 108 -8.10 -11.15 6.35
N THR B 109 -8.67 -11.65 7.42
CA THR B 109 -10.01 -12.27 7.37
C THR B 109 -10.98 -11.30 8.07
N TRP B 110 -11.95 -10.79 7.32
CA TRP B 110 -12.95 -9.83 7.79
C TRP B 110 -14.34 -10.44 8.02
N VAL B 111 -14.97 -10.11 9.15
CA VAL B 111 -16.33 -10.52 9.51
C VAL B 111 -17.21 -9.26 9.77
N LYS B 112 -18.43 -9.24 9.26
CA LYS B 112 -19.29 -8.10 9.49
C LYS B 112 -19.99 -8.31 10.83
N PRO B 114 -22.11 -6.29 14.17
CA PRO B 114 -23.10 -5.21 14.25
C PRO B 114 -22.48 -3.80 14.20
N GLU B 115 -21.34 -3.63 14.86
CA GLU B 115 -20.59 -2.36 14.83
C GLU B 115 -19.88 -2.12 13.48
N GLY B 116 -19.75 -3.18 12.69
CA GLY B 116 -19.17 -3.07 11.35
C GLY B 116 -18.21 -4.18 10.98
N TRP B 117 -17.68 -4.05 9.77
CA TRP B 117 -16.67 -4.96 9.26
C TRP B 117 -15.48 -4.93 10.19
N ARG B 118 -14.99 -6.10 10.56
CA ARG B 118 -13.88 -6.23 11.48
C ARG B 118 -12.91 -7.33 11.11
N ILE B 119 -11.62 -7.04 11.19
CA ILE B 119 -10.55 -8.00 10.96
C ILE B 119 -10.50 -8.88 12.22
N VAL B 120 -10.80 -10.18 12.06
CA VAL B 120 -10.71 -11.16 13.15
C VAL B 120 -9.36 -11.93 13.22
N ALA B 121 -8.61 -11.93 12.12
CA ALA B 121 -7.28 -12.58 12.06
C ALA B 121 -6.46 -11.97 10.91
N ALA B 122 -5.19 -11.64 11.16
CA ALA B 122 -4.32 -11.04 10.17
C ALA B 122 -2.92 -11.63 10.26
N HIS B 123 -2.28 -11.81 9.11
CA HIS B 123 -0.94 -12.37 9.05
C HIS B 123 -0.18 -11.49 8.05
N VAL B 124 0.92 -10.89 8.52
CA VAL B 124 1.83 -10.10 7.71
C VAL B 124 3.22 -10.73 7.81
N SER B 125 3.96 -10.74 6.72
CA SER B 125 5.31 -11.31 6.75
C SER B 125 6.08 -10.94 5.52
N LEU B 126 7.41 -11.11 5.61
CA LEU B 126 8.29 -10.86 4.48
C LEU B 126 8.66 -12.21 3.85
N SER B 128 10.73 -14.93 2.48
CA SER B 128 12.11 -15.32 2.73
C SER B 128 12.84 -15.77 1.47
N GLY C 1 -24.08 0.58 -27.65
CA GLY C 1 -24.52 1.35 -26.45
C GLY C 1 -24.34 0.58 -25.16
N LEU C 3 -25.96 -1.76 -22.35
CA LEU C 3 -27.06 -2.61 -21.91
C LEU C 3 -26.98 -2.69 -20.39
N PRO C 4 -28.10 -2.94 -19.71
CA PRO C 4 -28.11 -3.08 -18.24
C PRO C 4 -27.15 -4.12 -17.65
N ASP C 5 -26.89 -5.20 -18.36
CA ASP C 5 -25.97 -6.25 -17.90
C ASP C 5 -24.47 -5.85 -17.99
N ASP C 6 -24.16 -4.70 -18.60
CA ASP C 6 -22.78 -4.23 -18.77
C ASP C 6 -22.38 -3.24 -17.68
N VAL C 7 -23.29 -2.94 -16.74
CA VAL C 7 -23.01 -2.01 -15.66
C VAL C 7 -22.47 -2.83 -14.49
N ASN C 8 -21.33 -2.39 -13.94
CA ASN C 8 -20.66 -3.02 -12.81
C ASN C 8 -20.23 -4.46 -13.07
N GLN C 9 -19.47 -4.67 -14.14
CA GLN C 9 -18.91 -6.00 -14.37
C GLN C 9 -17.87 -6.13 -13.26
N ALA C 10 -17.92 -7.24 -12.53
CA ALA C 10 -17.07 -7.47 -11.35
C ALA C 10 -15.61 -7.07 -11.53
N ASP C 11 -14.93 -7.71 -12.48
CA ASP C 11 -13.50 -7.48 -12.69
C ASP C 11 -13.16 -6.05 -13.02
N VAL C 12 -13.99 -5.41 -13.82
CA VAL C 12 -13.75 -4.01 -14.19
C VAL C 12 -13.87 -3.10 -12.96
N LEU C 13 -14.89 -3.39 -12.15
CA LEU C 13 -15.16 -2.64 -10.93
C LEU C 13 -14.04 -2.80 -9.92
N ALA C 14 -13.45 -3.98 -9.83
CA ALA C 14 -12.33 -4.22 -8.91
C ALA C 14 -11.10 -3.39 -9.30
N ASP C 15 -10.81 -3.29 -10.59
CA ASP C 15 -9.63 -2.52 -11.05
C ASP C 15 -9.80 -1.03 -10.82
N VAL C 16 -10.98 -0.52 -11.13
CA VAL C 16 -11.21 0.91 -10.98
C VAL C 16 -11.27 1.31 -9.53
N THR C 17 -11.82 0.47 -8.67
CA THR C 17 -11.89 0.79 -7.25
C THR C 17 -10.47 0.92 -6.70
N ALA C 18 -9.60 -0.02 -7.03
CA ALA C 18 -8.20 0.04 -6.64
C ALA C 18 -7.55 1.34 -7.14
N ALA C 19 -7.80 1.73 -8.38
CA ALA C 19 -7.24 2.98 -8.93
C ALA C 19 -7.75 4.19 -8.14
N PHE C 20 -9.04 4.19 -7.83
CA PHE C 20 -9.66 5.30 -7.10
C PHE C 20 -9.03 5.50 -5.73
N TYR C 21 -8.82 4.42 -5.00
CA TYR C 21 -8.22 4.49 -3.66
C TYR C 21 -6.75 4.83 -3.72
N ARG C 22 -6.07 4.39 -4.76
CA ARG C 22 -4.67 4.74 -4.96
C ARG C 22 -4.63 6.26 -5.18
N TYR C 23 -5.58 6.81 -5.94
CA TYR C 23 -5.67 8.27 -6.10
C TYR C 23 -5.94 8.96 -4.75
N GLU C 24 -6.83 8.38 -3.94
CA GLU C 24 -7.13 8.94 -2.62
C GLU C 24 -5.87 9.04 -1.74
N LYS C 25 -4.97 8.08 -1.88
CA LYS C 25 -3.71 8.08 -1.15
C LYS C 25 -2.84 9.22 -1.64
N ALA C 26 -2.66 9.28 -2.96
CA ALA C 26 -1.82 10.30 -3.56
C ALA C 26 -2.33 11.69 -3.19
N LEU C 27 -3.65 11.86 -3.18
CA LEU C 27 -4.22 13.15 -2.91
C LEU C 27 -3.95 13.62 -1.50
N THR C 28 -4.22 12.76 -0.53
CA THR C 28 -4.09 13.18 0.85
C THR C 28 -2.64 13.32 1.30
N GLY C 29 -1.74 12.60 0.63
CA GLY C 29 -0.31 12.66 0.93
C GLY C 29 0.44 13.57 -0.03
N ASN C 30 -0.30 14.22 -0.92
CA ASN C 30 0.25 15.15 -1.91
C ASN C 30 1.39 14.60 -2.77
N ASP C 31 1.15 13.42 -3.31
CA ASP C 31 2.06 12.75 -4.22
C ASP C 31 1.74 13.26 -5.63
N VAL C 32 2.24 14.44 -5.92
CA VAL C 32 2.01 15.14 -7.20
C VAL C 32 2.31 14.27 -8.44
N ALA C 33 3.38 13.46 -8.35
CA ALA C 33 3.80 12.56 -9.43
C ALA C 33 2.70 11.56 -9.80
N VAL C 34 2.16 10.87 -8.80
CA VAL C 34 1.08 9.92 -9.00
C VAL C 34 -0.24 10.62 -9.38
N LEU C 35 -0.53 11.76 -8.75
CA LEU C 35 -1.70 12.56 -9.14
C LEU C 35 -1.64 12.92 -10.62
N ASP C 36 -0.44 13.23 -11.11
CA ASP C 36 -0.25 13.53 -12.51
C ASP C 36 -0.42 12.29 -13.38
N GLU C 37 0.16 11.19 -12.93
CA GLU C 37 0.06 9.96 -13.67
C GLU C 37 -1.39 9.62 -13.93
N LEU C 38 -2.18 9.66 -12.87
CA LEU C 38 -3.59 9.24 -12.87
C LEU C 38 -4.56 10.13 -13.61
N PHE C 39 -4.16 11.33 -13.98
CA PHE C 39 -4.99 12.22 -14.79
C PHE C 39 -4.57 12.06 -16.27
N TRP C 40 -5.57 12.12 -17.14
CA TRP C 40 -5.34 12.00 -18.54
C TRP C 40 -4.46 13.16 -19.00
N HIS C 41 -3.43 12.83 -19.76
CA HIS C 41 -2.49 13.79 -20.23
C HIS C 41 -2.96 14.34 -21.58
N ASP C 42 -3.85 15.30 -21.51
CA ASP C 42 -4.42 15.90 -22.68
C ASP C 42 -4.90 17.30 -22.37
N GLU C 43 -4.93 18.10 -23.41
CA GLU C 43 -5.49 19.43 -23.40
C GLU C 43 -6.98 19.44 -22.99
N LYS C 44 -7.71 18.34 -23.24
CA LYS C 44 -9.15 18.27 -22.95
C LYS C 44 -9.49 17.85 -21.52
N THR C 45 -8.49 17.44 -20.75
CA THR C 45 -8.78 17.07 -19.37
C THR C 45 -9.32 18.29 -18.59
N VAL C 46 -10.33 18.09 -17.76
CA VAL C 46 -10.90 19.22 -17.02
C VAL C 46 -10.93 18.92 -15.55
N ARG C 47 -10.46 19.87 -14.75
CA ARG C 47 -10.62 19.75 -13.29
C ARG C 47 -11.21 21.05 -12.73
N TYR C 48 -12.44 20.96 -12.26
CA TYR C 48 -13.10 22.03 -11.56
C TYR C 48 -12.88 21.71 -10.08
N GLY C 49 -12.12 22.57 -9.40
CA GLY C 49 -11.82 22.39 -7.96
C GLY C 49 -12.67 23.32 -7.13
N ALA C 50 -12.44 23.35 -5.82
CA ALA C 50 -13.24 24.16 -4.91
C ALA C 50 -13.19 25.65 -5.24
N GLY C 51 -12.01 26.17 -5.58
CA GLY C 51 -11.84 27.57 -5.90
C GLY C 51 -11.12 27.87 -7.21
N GLU C 52 -11.15 26.95 -8.18
CA GLU C 52 -10.52 27.20 -9.48
C GLU C 52 -11.05 26.25 -10.54
N ASN C 53 -11.07 26.75 -11.79
CA ASN C 53 -11.53 26.00 -12.96
C ASN C 53 -10.33 25.81 -13.82
N LEU C 54 -9.95 24.56 -14.06
CA LEU C 54 -8.71 24.23 -14.82
C LEU C 54 -9.00 23.41 -16.10
N TYR C 55 -8.39 23.84 -17.19
CA TYR C 55 -8.56 23.19 -18.47
C TYR C 55 -7.18 22.73 -18.96
N GLY C 56 -7.07 21.45 -19.26
CA GLY C 56 -5.82 20.87 -19.74
C GLY C 56 -4.93 20.39 -18.63
N ILE C 57 -4.05 19.44 -18.97
CA ILE C 57 -3.12 18.85 -18.01
C ILE C 57 -2.07 19.87 -17.52
N GLU C 58 -1.72 20.82 -18.37
CA GLU C 58 -0.70 21.81 -18.03
C GLU C 58 -1.17 22.68 -16.85
N GLU C 59 -2.38 23.21 -16.95
CA GLU C 59 -2.95 23.99 -15.85
C GLU C 59 -3.14 23.15 -14.58
N ILE C 60 -3.60 21.92 -14.74
CA ILE C 60 -3.78 21.03 -13.62
C ILE C 60 -2.43 20.79 -12.91
N ARG C 61 -1.35 20.70 -13.66
CA ARG C 61 -0.04 20.51 -13.05
C ARG C 61 0.38 21.73 -12.25
N ALA C 62 0.20 22.90 -12.85
CA ALA C 62 0.48 24.18 -12.17
C ALA C 62 -0.23 24.16 -10.79
N PHE C 63 -1.51 23.84 -10.82
CA PHE C 63 -2.33 23.79 -9.62
C PHE C 63 -1.73 22.92 -8.52
N ARG C 64 -1.31 21.71 -8.87
CA ARG C 64 -0.75 20.79 -7.90
C ARG C 64 0.45 21.36 -7.18
N LEU C 65 1.36 21.98 -7.92
CA LEU C 65 2.54 22.55 -7.32
C LEU C 65 2.25 23.85 -6.59
N ALA C 66 1.22 24.59 -6.99
CA ALA C 66 0.89 25.84 -6.32
C ALA C 66 0.08 25.58 -5.06
N ARG C 67 -0.53 24.41 -4.99
CA ARG C 67 -1.42 24.10 -3.89
C ARG C 67 -0.70 23.88 -2.55
N PRO C 68 -1.25 24.44 -1.44
CA PRO C 68 -0.68 24.20 -0.10
C PRO C 68 -0.87 22.75 0.35
N SER C 69 0.12 22.21 1.05
CA SER C 69 0.08 20.80 1.49
C SER C 69 -0.57 20.60 2.87
N ALA C 70 -0.75 21.70 3.60
CA ALA C 70 -1.32 21.65 4.93
C ALA C 70 -2.79 21.21 4.91
N GLY C 71 -3.19 20.37 5.85
CA GLY C 71 -4.59 19.94 6.00
C GLY C 71 -5.26 19.22 4.84
N LEU C 72 -4.46 18.62 3.96
CA LEU C 72 -4.96 17.86 2.82
C LEU C 72 -5.75 16.60 3.21
N ASP C 73 -5.56 16.10 4.44
CA ASP C 73 -6.22 14.87 4.85
C ASP C 73 -7.74 15.03 4.98
N ARG C 74 -8.48 13.94 4.72
CA ARG C 74 -9.96 13.97 4.80
C ARG C 74 -10.55 12.57 5.03
N ALA C 75 -11.83 12.53 5.39
CA ALA C 75 -12.59 11.29 5.58
C ALA C 75 -13.61 11.22 4.45
N LEU C 76 -13.70 10.08 3.78
CA LEU C 76 -14.64 9.88 2.70
C LEU C 76 -15.96 9.36 3.24
N ARG C 77 -17.03 9.63 2.49
CA ARG C 77 -18.39 9.31 2.90
C ARG C 77 -19.29 9.14 1.69
N ASN C 78 -20.18 8.15 1.75
CA ASN C 78 -21.17 7.96 0.68
C ASN C 78 -20.56 7.78 -0.70
N THR C 79 -19.54 6.94 -0.77
CA THR C 79 -18.80 6.68 -1.99
C THR C 79 -19.55 5.67 -2.86
N VAL C 80 -19.76 6.06 -4.11
CA VAL C 80 -20.42 5.23 -5.12
C VAL C 80 -19.45 5.14 -6.32
N ILE C 81 -19.07 3.93 -6.69
CA ILE C 81 -18.20 3.71 -7.85
C ILE C 81 -19.01 2.78 -8.80
N THR C 82 -19.22 3.24 -10.02
CA THR C 82 -20.01 2.51 -11.00
C THR C 82 -19.25 2.42 -12.32
N THR C 83 -19.19 1.20 -12.87
CA THR C 83 -18.50 0.98 -14.15
C THR C 83 -19.48 0.77 -15.29
N TYR C 84 -19.07 1.21 -16.47
CA TYR C 84 -19.88 1.07 -17.67
C TYR C 84 -19.02 0.28 -18.66
N GLY C 85 -19.48 -0.91 -19.02
CA GLY C 85 -18.68 -1.78 -19.86
C GLY C 85 -17.32 -2.08 -19.22
N HIS C 86 -16.30 -2.22 -20.06
CA HIS C 86 -14.96 -2.59 -19.62
C HIS C 86 -13.95 -1.44 -19.55
N ASP C 87 -14.32 -0.21 -19.88
CA ASP C 87 -13.32 0.87 -19.83
C ASP C 87 -13.80 2.31 -19.49
N ALA C 89 -15.84 4.56 -16.12
CA ALA C 89 -16.35 4.53 -14.74
C ALA C 89 -16.58 5.95 -14.24
N VAL C 90 -17.50 6.05 -13.28
CA VAL C 90 -17.74 7.28 -12.55
C VAL C 90 -17.59 6.96 -11.04
N ALA C 91 -16.74 7.73 -10.36
CA ALA C 91 -16.57 7.65 -8.90
C ALA C 91 -17.09 8.96 -8.29
N SER C 92 -18.04 8.84 -7.37
CA SER C 92 -18.58 9.99 -6.63
C SER C 92 -18.38 9.73 -5.13
N THR C 93 -18.12 10.76 -4.37
CA THR C 93 -17.99 10.62 -2.95
C THR C 93 -18.15 11.95 -2.27
N GLU C 94 -18.66 11.89 -1.05
CA GLU C 94 -18.67 13.05 -0.17
C GLU C 94 -17.41 12.96 0.72
N PHE C 95 -16.96 14.10 1.24
CA PHE C 95 -15.87 14.06 2.22
C PHE C 95 -16.07 15.16 3.20
N THR C 96 -15.33 15.09 4.30
CA THR C 96 -15.38 16.08 5.34
C THR C 96 -13.96 16.22 5.88
N ARG C 97 -13.70 17.29 6.64
CA ARG C 97 -12.38 17.48 7.31
C ARG C 97 -12.61 17.88 8.76
N THR C 98 -11.74 17.43 9.66
CA THR C 98 -11.88 17.78 11.10
C THR C 98 -12.01 19.29 11.36
N GLY C 99 -11.35 20.09 10.53
CA GLY C 99 -11.41 21.54 10.68
C GLY C 99 -12.78 22.12 10.37
N SER C 100 -13.23 21.89 9.12
CA SER C 100 -14.51 22.44 8.63
C SER C 100 -15.83 21.83 9.12
N THR C 101 -16.90 22.59 8.90
CA THR C 101 -18.29 22.16 9.10
C THR C 101 -18.91 21.89 7.70
N LYS C 102 -18.35 22.49 6.64
CA LYS C 102 -18.80 22.32 5.26
C LYS C 102 -18.60 20.88 4.72
N ILE C 103 -19.55 20.41 3.92
CA ILE C 103 -19.50 19.05 3.31
C ILE C 103 -18.90 19.13 1.92
N GLY C 104 -17.87 18.32 1.68
CA GLY C 104 -17.17 18.30 0.40
C GLY C 104 -17.65 17.19 -0.52
N ARG C 105 -17.65 17.46 -1.83
CA ARG C 105 -18.05 16.47 -2.85
C ARG C 105 -17.01 16.37 -3.94
N GLN C 106 -16.78 15.13 -4.38
CA GLN C 106 -15.86 14.85 -5.48
C GLN C 106 -16.47 13.87 -6.45
N GLN C 108 -15.53 12.00 -10.18
CA GLN C 108 -14.50 11.71 -11.20
C GLN C 108 -15.02 10.78 -12.27
N THR C 109 -14.61 11.03 -13.51
CA THR C 109 -14.95 10.14 -14.62
C THR C 109 -13.62 9.53 -15.08
N TRP C 110 -13.54 8.21 -14.95
CA TRP C 110 -12.36 7.42 -15.32
C TRP C 110 -12.57 6.65 -16.63
N VAL C 111 -11.53 6.62 -17.47
CA VAL C 111 -11.48 5.84 -18.70
C VAL C 111 -10.19 4.98 -18.75
N LYS C 112 -10.30 3.73 -19.17
CA LYS C 112 -9.11 2.88 -19.24
C LYS C 112 -8.38 3.08 -20.55
N PRO C 114 -4.51 2.67 -22.76
CA PRO C 114 -3.51 1.59 -22.78
C PRO C 114 -2.44 1.72 -21.68
N GLU C 115 -2.21 2.91 -21.15
CA GLU C 115 -1.25 3.13 -20.06
C GLU C 115 -1.90 2.92 -18.68
N GLY C 116 -3.23 2.83 -18.64
CA GLY C 116 -3.96 2.55 -17.42
C GLY C 116 -5.19 3.41 -17.22
N TRP C 117 -5.91 3.15 -16.14
CA TRP C 117 -7.07 3.96 -15.78
C TRP C 117 -6.67 5.40 -15.54
N ARG C 118 -7.43 6.32 -16.14
CA ARG C 118 -7.14 7.77 -16.09
C ARG C 118 -8.36 8.60 -15.84
N ILE C 119 -8.22 9.63 -15.03
CA ILE C 119 -9.32 10.55 -14.77
C ILE C 119 -9.31 11.49 -15.96
N VAL C 120 -10.41 11.55 -16.70
CA VAL C 120 -10.52 12.46 -17.85
C VAL C 120 -11.23 13.80 -17.48
N ALA C 121 -11.99 13.78 -16.38
CA ALA C 121 -12.71 14.95 -15.89
C ALA C 121 -13.03 14.80 -14.40
N ALA C 122 -12.83 15.86 -13.63
CA ALA C 122 -13.12 15.80 -12.17
C ALA C 122 -13.72 17.11 -11.70
N HIS C 123 -14.64 17.03 -10.74
CA HIS C 123 -15.29 18.22 -10.18
C HIS C 123 -15.28 18.05 -8.66
N VAL C 124 -14.54 18.93 -7.97
CA VAL C 124 -14.52 18.96 -6.50
C VAL C 124 -15.15 20.30 -6.06
N SER C 125 -15.99 20.24 -5.04
CA SER C 125 -16.66 21.45 -4.55
C SER C 125 -17.11 21.30 -3.12
N LEU C 126 -17.44 22.43 -2.51
CA LEU C 126 -18.00 22.47 -1.17
C LEU C 126 -19.48 22.86 -1.28
N SER C 128 -23.07 24.43 -0.75
CA SER C 128 -23.54 25.74 -0.32
C SER C 128 -24.86 25.58 0.41
N GLY D 1 33.12 40.15 2.07
CA GLY D 1 33.70 38.88 1.55
C GLY D 1 33.66 37.73 2.54
N LEU D 3 35.72 35.32 5.14
CA LEU D 3 36.89 35.07 5.95
C LEU D 3 36.94 33.58 6.34
N PRO D 4 38.14 33.05 6.61
CA PRO D 4 38.33 31.64 7.00
C PRO D 4 37.43 31.05 8.09
N ASP D 5 37.15 31.80 9.15
CA ASP D 5 36.28 31.29 10.22
C ASP D 5 34.79 31.37 9.87
N ASP D 6 34.45 32.08 8.79
CA ASP D 6 33.06 32.16 8.34
C ASP D 6 32.63 30.86 7.68
N VAL D 7 33.61 30.01 7.37
CA VAL D 7 33.39 28.73 6.70
C VAL D 7 33.02 27.63 7.68
N ASN D 8 31.91 26.93 7.39
CA ASN D 8 31.39 25.83 8.21
C ASN D 8 31.05 26.20 9.67
N GLN D 9 30.12 27.13 9.83
CA GLN D 9 29.63 27.53 11.13
C GLN D 9 28.72 26.36 11.51
N ALA D 10 28.95 25.80 12.70
CA ALA D 10 28.27 24.57 13.13
C ALA D 10 26.77 24.54 12.89
N ASP D 11 26.07 25.57 13.39
CA ASP D 11 24.62 25.70 13.28
C ASP D 11 24.17 25.90 11.83
N VAL D 12 24.91 26.69 11.07
CA VAL D 12 24.56 26.90 9.66
C VAL D 12 24.69 25.58 8.88
N LEU D 13 25.72 24.80 9.22
CA LEU D 13 26.03 23.53 8.57
C LEU D 13 24.99 22.47 8.88
N ALA D 14 24.53 22.43 10.14
CA ALA D 14 23.47 21.51 10.60
C ALA D 14 22.13 21.73 9.86
N ASP D 15 21.79 22.98 9.58
CA ASP D 15 20.56 23.30 8.81
C ASP D 15 20.65 22.79 7.38
N VAL D 16 21.75 23.16 6.73
CA VAL D 16 21.97 22.81 5.33
C VAL D 16 22.07 21.29 5.15
N THR D 17 22.68 20.62 6.13
CA THR D 17 22.80 19.17 6.05
C THR D 17 21.41 18.57 6.09
N ALA D 18 20.59 19.00 7.04
CA ALA D 18 19.22 18.51 7.16
C ALA D 18 18.40 18.71 5.89
N ALA D 19 18.57 19.86 5.20
CA ALA D 19 17.80 20.14 3.95
C ALA D 19 18.31 19.20 2.88
N PHE D 20 19.62 19.11 2.74
CA PHE D 20 20.26 18.21 1.79
C PHE D 20 19.72 16.76 1.94
N TYR D 21 19.70 16.25 3.16
CA TYR D 21 19.20 14.88 3.36
C TYR D 21 17.71 14.71 3.16
N ARG D 22 16.96 15.79 3.35
CA ARG D 22 15.54 15.78 3.09
C ARG D 22 15.33 15.70 1.59
N TYR D 23 16.14 16.46 0.83
CA TYR D 23 16.13 16.44 -0.63
C TYR D 23 16.50 15.05 -1.13
N GLU D 24 17.45 14.41 -0.48
CA GLU D 24 17.91 13.08 -0.90
C GLU D 24 16.78 12.08 -0.78
N LYS D 25 15.99 12.20 0.30
CA LYS D 25 14.86 11.30 0.55
C LYS D 25 13.75 11.56 -0.45
N ALA D 26 13.59 12.81 -0.86
CA ALA D 26 12.56 13.20 -1.84
C ALA D 26 12.88 12.71 -3.25
N LEU D 27 14.15 12.87 -3.62
CA LEU D 27 14.65 12.45 -4.93
C LEU D 27 14.53 10.94 -5.11
N THR D 28 14.91 10.17 -4.10
CA THR D 28 14.89 8.71 -4.24
C THR D 28 13.48 8.15 -4.12
N GLY D 29 12.61 8.86 -3.41
CA GLY D 29 11.19 8.49 -3.28
C GLY D 29 10.31 9.23 -4.28
N ASN D 30 10.94 9.94 -5.21
CA ASN D 30 10.25 10.74 -6.24
C ASN D 30 9.08 11.62 -5.73
N ASP D 31 9.39 12.41 -4.69
CA ASP D 31 8.43 13.35 -4.08
C ASP D 31 8.59 14.69 -4.80
N VAL D 32 7.93 14.80 -5.94
CA VAL D 32 8.04 15.97 -6.78
C VAL D 32 7.64 17.30 -6.10
N ALA D 33 6.73 17.21 -5.13
CA ALA D 33 6.28 18.37 -4.38
C ALA D 33 7.46 18.96 -3.63
N VAL D 34 8.14 18.11 -2.83
CA VAL D 34 9.32 18.54 -2.07
C VAL D 34 10.50 18.94 -2.99
N LEU D 35 10.70 18.21 -4.08
CA LEU D 35 11.76 18.55 -5.04
C LEU D 35 11.56 19.97 -5.58
N ASP D 36 10.31 20.36 -5.73
CA ASP D 36 9.96 21.69 -6.19
C ASP D 36 10.12 22.75 -5.08
N GLU D 37 9.63 22.41 -3.89
CA GLU D 37 9.76 23.28 -2.76
C GLU D 37 11.24 23.66 -2.63
N LEU D 38 12.11 22.64 -2.62
CA LEU D 38 13.54 22.82 -2.42
C LEU D 38 14.34 23.50 -3.52
N PHE D 39 13.81 23.58 -4.73
CA PHE D 39 14.50 24.36 -5.77
C PHE D 39 14.01 25.80 -5.74
N TRP D 40 14.94 26.67 -6.14
CA TRP D 40 14.71 28.07 -6.21
C TRP D 40 13.70 28.35 -7.32
N HIS D 41 12.54 28.86 -6.91
CA HIS D 41 11.49 29.19 -7.81
C HIS D 41 11.82 30.48 -8.57
N ASP D 42 12.62 30.34 -9.61
CA ASP D 42 13.00 31.47 -10.41
C ASP D 42 13.41 30.98 -11.78
N GLU D 43 13.29 31.88 -12.72
CA GLU D 43 13.72 31.72 -14.09
C GLU D 43 15.20 31.51 -14.25
N LYS D 44 16.00 31.97 -13.29
CA LYS D 44 17.47 31.81 -13.36
C LYS D 44 18.04 30.52 -12.79
N THR D 45 17.21 29.71 -12.12
CA THR D 45 17.66 28.44 -11.56
C THR D 45 18.11 27.52 -12.68
N VAL D 46 19.19 26.78 -12.45
CA VAL D 46 19.73 25.93 -13.51
C VAL D 46 19.93 24.52 -13.01
N ARG D 47 19.39 23.55 -13.73
CA ARG D 47 19.66 22.15 -13.43
C ARG D 47 20.30 21.45 -14.64
N TYR D 48 21.59 21.10 -14.56
CA TYR D 48 22.26 20.27 -15.55
C TYR D 48 22.15 18.82 -15.06
N GLY D 49 21.42 17.98 -15.79
CA GLY D 49 21.24 16.59 -15.41
C GLY D 49 22.09 15.70 -16.28
N ALA D 50 22.03 14.40 -16.05
CA ALA D 50 22.80 13.40 -16.80
C ALA D 50 22.61 13.51 -18.33
N GLY D 51 21.35 13.61 -18.77
CA GLY D 51 21.03 13.73 -20.19
C GLY D 51 20.18 14.92 -20.59
N GLU D 52 20.18 15.98 -19.79
CA GLU D 52 19.40 17.18 -20.12
C GLU D 52 19.96 18.43 -19.45
N ASN D 53 19.70 19.57 -20.07
CA ASN D 53 20.12 20.88 -19.60
C ASN D 53 18.89 21.70 -19.36
N LEU D 54 18.60 22.03 -18.09
CA LEU D 54 17.37 22.75 -17.74
C LEU D 54 17.62 24.19 -17.24
N TYR D 55 16.85 25.13 -17.78
CA TYR D 55 16.98 26.53 -17.46
C TYR D 55 15.65 27.02 -16.97
N GLY D 56 15.57 27.41 -15.71
CA GLY D 56 14.30 27.91 -15.17
C GLY D 56 13.54 26.82 -14.45
N ILE D 57 12.77 27.22 -13.44
CA ILE D 57 11.97 26.31 -12.65
C ILE D 57 10.85 25.65 -13.48
N GLU D 58 10.34 26.36 -14.48
CA GLU D 58 9.28 25.78 -15.32
C GLU D 58 9.89 24.55 -16.02
N GLU D 59 11.04 24.71 -16.66
CA GLU D 59 11.68 23.55 -17.31
C GLU D 59 12.01 22.43 -16.31
N ILE D 60 12.53 22.79 -15.16
CA ILE D 60 12.88 21.78 -14.14
C ILE D 60 11.63 20.99 -13.74
N ARG D 61 10.52 21.68 -13.53
CA ARG D 61 9.27 21.01 -13.18
C ARG D 61 8.77 20.02 -14.25
N ALA D 62 8.80 20.42 -15.51
CA ALA D 62 8.39 19.54 -16.60
C ALA D 62 9.22 18.27 -16.47
N PHE D 63 10.54 18.43 -16.41
CA PHE D 63 11.49 17.28 -16.23
C PHE D 63 11.10 16.32 -15.11
N ARG D 64 10.72 16.88 -13.97
CA ARG D 64 10.36 16.05 -12.82
C ARG D 64 9.19 15.15 -13.13
N LEU D 65 8.18 15.67 -13.81
CA LEU D 65 7.02 14.88 -14.14
C LEU D 65 7.26 13.91 -15.31
N ALA D 66 8.12 14.27 -16.25
CA ALA D 66 8.40 13.39 -17.38
C ALA D 66 9.33 12.22 -17.00
N ARG D 67 10.12 12.42 -15.95
CA ARG D 67 11.13 11.43 -15.54
C ARG D 67 10.54 10.07 -15.06
N PRO D 68 11.21 8.93 -15.36
CA PRO D 68 10.75 7.61 -14.88
C PRO D 68 10.96 7.34 -13.39
N SER D 69 9.98 6.71 -12.74
CA SER D 69 10.03 6.42 -11.30
C SER D 69 11.03 5.33 -10.90
N ALA D 70 11.12 4.29 -11.74
CA ALA D 70 11.97 3.11 -11.50
C ALA D 70 13.48 3.39 -11.38
N GLY D 71 14.13 2.67 -10.47
CA GLY D 71 15.58 2.79 -10.25
C GLY D 71 16.09 4.12 -9.74
N LEU D 72 15.23 4.87 -9.07
CA LEU D 72 15.60 6.16 -8.51
C LEU D 72 16.53 6.03 -7.30
N ASP D 73 16.36 4.97 -6.52
CA ASP D 73 17.15 4.81 -5.31
C ASP D 73 18.64 4.74 -5.64
N ARG D 74 19.49 5.24 -4.74
CA ARG D 74 20.94 5.24 -4.94
C ARG D 74 21.66 5.33 -3.61
N ALA D 75 22.94 4.95 -3.59
CA ALA D 75 23.76 5.04 -2.40
C ALA D 75 24.73 6.22 -2.58
N LEU D 76 24.78 7.12 -1.59
CA LEU D 76 25.67 8.28 -1.65
C LEU D 76 27.05 7.90 -1.17
N ARG D 77 28.04 8.68 -1.55
CA ARG D 77 29.44 8.36 -1.25
C ARG D 77 30.30 9.62 -1.37
N ASN D 78 31.31 9.76 -0.51
CA ASN D 78 32.22 10.93 -0.52
C ASN D 78 31.47 12.27 -0.56
N THR D 79 30.44 12.35 0.28
CA THR D 79 29.59 13.53 0.46
C THR D 79 30.37 14.61 1.23
N VAL D 80 30.28 15.84 0.76
CA VAL D 80 30.98 17.00 1.32
C VAL D 80 30.08 18.24 1.27
N ILE D 81 29.69 18.73 2.43
CA ILE D 81 28.85 19.92 2.55
C ILE D 81 29.67 21.03 3.23
N THR D 82 29.83 22.18 2.55
CA THR D 82 30.57 23.32 3.09
C THR D 82 29.71 24.59 3.03
N THR D 83 29.55 25.27 4.17
CA THR D 83 28.77 26.50 4.24
C THR D 83 29.69 27.72 4.23
N TYR D 84 29.20 28.82 3.66
CA TYR D 84 29.94 30.11 3.57
C TYR D 84 29.09 31.21 4.21
N GLY D 85 29.46 31.58 5.44
CA GLY D 85 28.70 32.55 6.20
C GLY D 85 27.41 31.90 6.72
N HIS D 86 26.35 32.71 6.78
CA HIS D 86 25.07 32.26 7.32
C HIS D 86 24.02 31.90 6.26
N ASP D 87 24.35 31.98 4.97
CA ASP D 87 23.31 31.70 3.96
C ASP D 87 23.70 31.11 2.59
N ALA D 89 25.82 27.56 0.72
CA ALA D 89 26.40 26.25 0.90
C ALA D 89 26.58 25.57 -0.44
N VAL D 90 27.62 24.72 -0.51
CA VAL D 90 27.82 23.83 -1.64
C VAL D 90 27.81 22.42 -1.05
N ALA D 91 26.97 21.55 -1.62
CA ALA D 91 26.88 20.14 -1.23
C ALA D 91 27.34 19.31 -2.43
N SER D 92 28.40 18.51 -2.25
CA SER D 92 28.91 17.67 -3.33
C SER D 92 28.87 16.21 -2.91
N THR D 93 28.54 15.33 -3.84
CA THR D 93 28.52 13.93 -3.55
C THR D 93 28.66 13.07 -4.80
N GLU D 94 29.24 11.89 -4.58
CA GLU D 94 29.29 10.84 -5.58
C GLU D 94 28.12 9.92 -5.24
N PHE D 95 27.67 9.14 -6.20
CA PHE D 95 26.62 8.16 -5.94
C PHE D 95 26.73 6.99 -6.90
N THR D 96 26.19 5.85 -6.48
CA THR D 96 26.17 4.65 -7.28
C THR D 96 24.81 3.97 -7.10
N ARG D 97 24.50 3.06 -8.02
CA ARG D 97 23.27 2.27 -8.01
C ARG D 97 23.60 0.83 -8.29
N THR D 98 22.68 -0.07 -7.94
CA THR D 98 22.86 -1.52 -8.16
C THR D 98 22.91 -1.86 -9.65
N GLY D 99 22.05 -1.19 -10.42
CA GLY D 99 21.98 -1.40 -11.87
C GLY D 99 23.26 -1.06 -12.63
N SER D 100 23.86 0.08 -12.28
CA SER D 100 25.03 0.63 -12.99
C SER D 100 26.45 0.29 -12.51
N THR D 101 27.39 0.42 -13.46
CA THR D 101 28.84 0.32 -13.23
C THR D 101 29.47 1.74 -13.18
N LYS D 102 28.76 2.73 -13.74
CA LYS D 102 29.20 4.12 -13.81
C LYS D 102 29.05 4.80 -12.45
N ILE D 103 29.94 5.78 -12.18
CA ILE D 103 29.90 6.56 -10.94
C ILE D 103 29.17 7.87 -11.23
N GLY D 104 28.14 8.15 -10.44
CA GLY D 104 27.36 9.38 -10.58
C GLY D 104 27.89 10.48 -9.68
N ARG D 105 27.66 11.72 -10.09
CA ARG D 105 28.09 12.88 -9.33
C ARG D 105 26.98 13.89 -9.25
N GLN D 106 26.85 14.50 -8.08
CA GLN D 106 25.84 15.55 -7.85
C GLN D 106 26.45 16.70 -7.06
N GLN D 108 25.41 20.69 -5.79
CA GLN D 108 24.34 21.65 -5.56
C GLN D 108 24.83 22.83 -4.76
N THR D 109 24.34 24.00 -5.15
CA THR D 109 24.58 25.23 -4.46
C THR D 109 23.26 25.69 -3.83
N TRP D 110 23.24 25.75 -2.49
CA TRP D 110 22.09 26.17 -1.70
C TRP D 110 22.25 27.62 -1.21
N VAL D 111 21.14 28.33 -1.06
CA VAL D 111 21.12 29.70 -0.53
C VAL D 111 19.91 29.80 0.42
N LYS D 112 20.05 30.46 1.57
CA LYS D 112 18.94 30.58 2.52
C LYS D 112 18.09 31.79 2.12
N PRO D 114 14.08 33.71 2.60
CA PRO D 114 13.14 33.85 3.73
C PRO D 114 12.27 32.60 3.92
N GLU D 115 11.89 31.97 2.81
CA GLU D 115 11.12 30.72 2.83
C GLU D 115 11.92 29.44 3.19
N GLY D 116 13.24 29.54 3.24
CA GLY D 116 14.13 28.44 3.61
C GLY D 116 15.26 28.22 2.63
N TRP D 117 16.08 27.21 2.91
CA TRP D 117 17.20 26.81 2.06
C TRP D 117 16.74 26.33 0.69
N ARG D 118 17.35 26.85 -0.36
CA ARG D 118 16.92 26.53 -1.73
C ARG D 118 18.09 26.28 -2.65
N ILE D 119 17.95 25.26 -3.51
CA ILE D 119 18.96 24.90 -4.47
C ILE D 119 18.82 25.90 -5.61
N VAL D 120 19.83 26.71 -5.85
CA VAL D 120 19.76 27.70 -6.94
C VAL D 120 20.41 27.19 -8.22
N ALA D 121 21.31 26.23 -8.12
CA ALA D 121 21.99 25.63 -9.26
C ALA D 121 22.38 24.20 -8.86
N ALA D 122 22.21 23.24 -9.78
CA ALA D 122 22.56 21.84 -9.55
C ALA D 122 23.12 21.24 -10.83
N HIS D 123 24.12 20.35 -10.69
CA HIS D 123 24.73 19.63 -11.81
C HIS D 123 24.86 18.14 -11.40
N VAL D 124 24.30 17.26 -12.22
CA VAL D 124 24.38 15.81 -12.03
C VAL D 124 24.89 15.20 -13.33
N SER D 125 25.76 14.21 -13.22
CA SER D 125 26.27 13.56 -14.41
C SER D 125 26.86 12.26 -14.00
N LEU D 126 27.15 11.44 -15.00
CA LEU D 126 27.86 10.18 -14.80
C LEU D 126 29.28 10.43 -15.29
N SER D 128 33.13 9.59 -17.00
CA SER D 128 33.88 8.96 -18.14
C SER D 128 33.36 9.46 -19.47
#